data_3TBM
#
_entry.id   3TBM
#
_cell.length_a   73.566
_cell.length_b   54.434
_cell.length_c   43.517
_cell.angle_alpha   90.00
_cell.angle_beta   113.78
_cell.angle_gamma   90.00
#
_symmetry.space_group_name_H-M   'C 1 2 1'
#
loop_
_entity.id
_entity.type
_entity.pdbx_description
1 polymer 'Putative uncharacterized protein'
2 non-polymer 'FE2/S2 (INORGANIC) CLUSTER'
3 non-polymer 'NONAETHYLENE GLYCOL'
4 non-polymer 'L(+)-TARTARIC ACID'
5 water water
#
_entity_poly.entity_id   1
_entity_poly.type   'polypeptide(L)'
_entity_poly.pdbx_seq_one_letter_code
;GPHMADDVVITARNNGPYHIKGSFRIVTQGGRELPVEQGQAWLCRCGHSLNKPFCDGSHKRVEFDSNLD
;
_entity_poly.pdbx_strand_id   A,B
#
loop_
_chem_comp.id
_chem_comp.type
_chem_comp.name
_chem_comp.formula
2PE non-polymer 'NONAETHYLENE GLYCOL' 'C18 H38 O10'
FES non-polymer 'FE2/S2 (INORGANIC) CLUSTER' 'Fe2 S2'
TLA non-polymer 'L(+)-TARTARIC ACID' 'C4 H6 O6'
#
# COMPACT_ATOMS: atom_id res chain seq x y z
N VAL A 8 -13.40 0.38 6.82
CA VAL A 8 -12.19 0.88 6.19
C VAL A 8 -12.20 0.76 4.66
N VAL A 9 -11.89 1.87 4.00
CA VAL A 9 -11.78 1.88 2.54
C VAL A 9 -10.39 2.22 2.04
N ILE A 10 -9.86 1.36 1.20
CA ILE A 10 -8.54 1.56 0.62
C ILE A 10 -8.74 1.88 -0.82
N THR A 11 -8.34 3.08 -1.24
CA THR A 11 -8.45 3.47 -2.65
C THR A 11 -7.04 3.47 -3.22
N ALA A 12 -6.78 2.66 -4.23
CA ALA A 12 -5.49 2.81 -4.87
C ALA A 12 -5.61 3.89 -5.93
N ARG A 13 -4.95 5.02 -5.70
CA ARG A 13 -4.99 6.12 -6.63
C ARG A 13 -4.17 5.79 -7.87
N ASN A 14 -4.70 6.12 -9.06
CA ASN A 14 -3.96 5.85 -10.29
C ASN A 14 -2.69 6.69 -10.27
N ASN A 15 -1.55 6.07 -10.58
CA ASN A 15 -0.28 6.77 -10.64
C ASN A 15 0.03 7.44 -9.30
N GLY A 16 -0.59 6.91 -8.26
CA GLY A 16 -0.54 7.51 -6.96
C GLY A 16 -0.43 6.49 -5.82
N PRO A 17 -0.47 7.03 -4.60
CA PRO A 17 -0.47 6.21 -3.37
C PRO A 17 -1.80 5.46 -3.08
N TYR A 18 -1.79 4.55 -2.11
CA TYR A 18 -3.02 4.04 -1.50
C TYR A 18 -3.53 5.11 -0.55
N HIS A 19 -4.79 5.51 -0.72
CA HIS A 19 -5.47 6.35 0.27
C HIS A 19 -6.26 5.46 1.22
N ILE A 20 -5.92 5.49 2.50
CA ILE A 20 -6.63 4.70 3.50
C ILE A 20 -7.49 5.60 4.35
N LYS A 21 -8.75 5.24 4.54
CA LYS A 21 -9.65 6.07 5.36
C LYS A 21 -10.56 5.21 6.24
N GLY A 22 -10.64 5.55 7.52
CA GLY A 22 -11.43 4.78 8.46
C GLY A 22 -10.64 4.53 9.73
N SER A 23 -11.04 3.51 10.48
CA SER A 23 -10.35 3.17 11.72
C SER A 23 -9.41 1.98 11.52
N PHE A 24 -8.11 2.26 11.58
CA PHE A 24 -7.10 1.26 11.25
C PHE A 24 -5.80 1.64 11.95
N ARG A 25 -4.90 0.68 12.04
CA ARG A 25 -3.58 0.92 12.58
C ARG A 25 -2.54 0.57 11.53
N ILE A 26 -1.40 1.25 11.59
CA ILE A 26 -0.29 0.84 10.75
C ILE A 26 0.85 0.35 11.64
N VAL A 27 1.39 -0.81 11.31
CA VAL A 27 2.45 -1.37 12.11
C VAL A 27 3.61 -1.84 11.26
N THR A 28 4.79 -1.89 11.86
CA THR A 28 5.92 -2.52 11.20
C THR A 28 5.85 -4.02 11.45
N GLN A 29 6.67 -4.76 10.71
CA GLN A 29 6.78 -6.18 10.91
C GLN A 29 7.30 -6.42 12.32
N GLY A 30 8.14 -5.50 12.77
CA GLY A 30 8.72 -5.58 14.10
C GLY A 30 7.69 -5.40 15.21
N GLY A 31 6.69 -4.57 14.95
CA GLY A 31 5.63 -4.32 15.91
C GLY A 31 5.55 -2.85 16.32
N ARG A 32 6.31 -1.99 15.63
CA ARG A 32 6.26 -0.58 15.97
C ARG A 32 5.09 0.13 15.31
N GLU A 33 4.30 0.80 16.14
CA GLU A 33 3.14 1.57 15.72
C GLU A 33 3.60 2.79 14.96
N LEU A 34 3.04 2.97 13.77
CA LEU A 34 3.26 4.20 13.01
C LEU A 34 2.00 5.08 13.10
N PRO A 35 2.18 6.40 13.03
CA PRO A 35 1.14 7.38 13.36
C PRO A 35 0.01 7.48 12.34
N VAL A 36 -1.22 7.28 12.79
CA VAL A 36 -2.39 7.52 11.94
C VAL A 36 -3.04 8.85 12.34
N GLU A 37 -3.07 9.81 11.41
CA GLU A 37 -3.65 11.12 11.68
C GLU A 37 -5.06 11.28 11.08
N GLN A 38 -6.02 11.70 11.91
CA GLN A 38 -7.37 12.00 11.44
C GLN A 38 -8.01 10.86 10.65
N GLY A 39 -7.69 9.62 11.02
CA GLY A 39 -8.30 8.47 10.37
C GLY A 39 -8.07 8.45 8.88
N GLN A 40 -6.90 8.94 8.47
CA GLN A 40 -6.52 8.93 7.06
C GLN A 40 -5.02 8.85 6.87
N ALA A 41 -4.60 8.17 5.80
CA ALA A 41 -3.20 8.08 5.46
C ALA A 41 -3.04 7.82 3.97
N TRP A 42 -1.91 8.23 3.41
CA TRP A 42 -1.57 7.90 2.04
C TRP A 42 -0.28 7.11 2.09
N LEU A 43 -0.34 5.85 1.67
CA LEU A 43 0.80 4.97 1.71
C LEU A 43 1.46 4.80 0.34
N CYS A 44 2.79 4.86 0.32
CA CYS A 44 3.53 4.75 -0.94
C CYS A 44 3.23 3.43 -1.68
N ARG A 45 2.96 3.53 -2.98
CA ARG A 45 2.59 2.40 -3.83
C ARG A 45 3.65 2.30 -4.92
N CYS A 46 4.38 3.39 -5.12
CA CYS A 46 5.39 3.43 -6.18
C CYS A 46 6.77 2.84 -5.86
N GLY A 47 7.09 2.67 -4.59
CA GLY A 47 8.37 2.12 -4.17
C GLY A 47 9.49 3.12 -3.89
N HIS A 48 9.28 4.41 -4.17
CA HIS A 48 10.37 5.35 -4.14
C HIS A 48 10.25 6.50 -3.10
N SER A 49 9.16 6.57 -2.33
CA SER A 49 9.15 7.52 -1.23
C SER A 49 10.42 7.44 -0.35
N LEU A 50 10.87 8.60 0.10
CA LEU A 50 11.97 8.74 1.05
C LEU A 50 11.42 8.82 2.47
N ASN A 51 10.13 8.58 2.61
CA ASN A 51 9.48 8.57 3.91
C ASN A 51 8.57 7.36 4.10
N LYS A 52 9.06 6.20 3.68
CA LYS A 52 8.25 4.98 3.70
C LYS A 52 7.77 4.68 5.13
N PRO A 53 6.54 4.17 5.28
CA PRO A 53 5.61 3.78 4.22
C PRO A 53 4.74 4.92 3.70
N PHE A 54 5.03 6.17 4.07
CA PHE A 54 4.18 7.28 3.63
C PHE A 54 4.56 7.90 2.31
N CYS A 55 3.54 8.31 1.55
CA CYS A 55 3.73 8.89 0.24
C CYS A 55 4.35 10.25 0.47
N ASP A 56 5.33 10.61 -0.34
CA ASP A 56 5.95 11.94 -0.20
C ASP A 56 6.00 12.71 -1.52
N GLY A 57 5.31 12.20 -2.55
CA GLY A 57 5.28 12.90 -3.81
C GLY A 57 6.24 12.32 -4.83
N SER A 58 7.06 11.35 -4.40
CA SER A 58 8.09 10.77 -5.27
C SER A 58 7.48 10.08 -6.49
N HIS A 59 6.26 9.60 -6.34
CA HIS A 59 5.56 8.97 -7.46
C HIS A 59 5.50 9.87 -8.73
N LYS A 60 5.39 11.19 -8.56
CA LYS A 60 5.45 12.08 -9.72
C LYS A 60 6.86 12.22 -10.31
N ARG A 61 7.87 12.14 -9.45
CA ARG A 61 9.25 12.29 -9.89
C ARG A 61 9.69 11.12 -10.75
N VAL A 62 9.29 9.91 -10.35
CA VAL A 62 9.60 8.70 -11.12
C VAL A 62 8.52 8.32 -12.14
N GLU A 63 7.57 9.23 -12.40
CA GLU A 63 6.49 8.95 -13.34
C GLU A 63 5.91 7.52 -13.18
N PHE A 64 5.70 7.13 -11.93
CA PHE A 64 4.98 5.91 -11.59
C PHE A 64 3.75 5.79 -12.52
N ASP A 65 3.66 4.67 -13.22
CA ASP A 65 2.64 4.48 -14.23
C ASP A 65 1.83 3.27 -13.82
N SER A 66 0.69 3.52 -13.20
CA SER A 66 -0.20 2.42 -12.85
C SER A 66 -1.62 2.93 -12.80
N ASN A 67 -2.33 2.70 -13.90
CA ASN A 67 -3.74 3.07 -13.97
C ASN A 67 -4.64 1.86 -13.94
N LEU A 68 -5.44 1.78 -12.88
CA LEU A 68 -6.30 0.65 -12.65
C LEU A 68 -7.71 0.96 -13.18
N VAL B 8 -9.00 -3.18 11.72
CA VAL B 8 -8.14 -3.24 10.56
C VAL B 8 -6.67 -2.93 10.93
N VAL B 9 -5.78 -3.87 10.59
CA VAL B 9 -4.37 -3.68 10.82
C VAL B 9 -3.63 -3.79 9.50
N ILE B 10 -2.86 -2.76 9.19
CA ILE B 10 -2.02 -2.79 7.99
C ILE B 10 -0.59 -2.99 8.43
N THR B 11 0.00 -4.09 7.98
CA THR B 11 1.37 -4.38 8.38
C THR B 11 2.25 -4.19 7.17
N ALA B 12 3.22 -3.28 7.26
CA ALA B 12 4.05 -3.05 6.10
C ALA B 12 5.26 -3.96 6.21
N ARG B 13 5.25 -5.05 5.43
CA ARG B 13 6.33 -6.03 5.56
C ARG B 13 7.68 -5.48 5.02
N ASN B 14 8.75 -5.78 5.75
CA ASN B 14 10.09 -5.37 5.32
C ASN B 14 10.39 -5.96 3.93
N ASN B 15 10.85 -5.10 3.02
CA ASN B 15 11.15 -5.45 1.64
C ASN B 15 10.07 -6.28 0.98
N GLY B 16 8.81 -5.89 1.18
CA GLY B 16 7.74 -6.70 0.67
C GLY B 16 6.43 -5.91 0.78
N PRO B 17 5.34 -6.58 0.59
CA PRO B 17 4.01 -5.94 0.47
C PRO B 17 3.36 -5.38 1.77
N TYR B 18 2.32 -4.55 1.64
CA TYR B 18 1.45 -4.29 2.76
C TYR B 18 0.52 -5.46 3.00
N HIS B 19 0.50 -5.93 4.24
CA HIS B 19 -0.48 -6.93 4.61
C HIS B 19 -1.66 -6.25 5.28
N ILE B 20 -2.82 -6.37 4.68
CA ILE B 20 -4.03 -5.84 5.30
C ILE B 20 -4.91 -6.94 5.85
N LYS B 21 -5.33 -6.78 7.11
CA LYS B 21 -6.20 -7.77 7.76
C LYS B 21 -7.38 -7.09 8.43
N GLY B 22 -8.56 -7.69 8.31
CA GLY B 22 -9.76 -7.17 8.95
C GLY B 22 -10.83 -6.82 7.94
N SER B 23 -11.85 -6.07 8.37
CA SER B 23 -12.97 -5.66 7.51
C SER B 23 -12.60 -4.44 6.68
N PHE B 24 -12.50 -4.59 5.37
CA PHE B 24 -12.13 -3.47 4.51
C PHE B 24 -12.50 -3.74 3.06
N ARG B 25 -12.54 -2.67 2.28
CA ARG B 25 -12.74 -2.79 0.86
C ARG B 25 -11.59 -2.14 0.13
N ILE B 26 -11.43 -2.51 -1.13
CA ILE B 26 -10.41 -1.94 -1.98
C ILE B 26 -11.14 -1.45 -3.22
N VAL B 27 -10.97 -0.18 -3.54
CA VAL B 27 -11.65 0.40 -4.69
C VAL B 27 -10.65 1.15 -5.55
N THR B 28 -10.94 1.26 -6.85
CA THR B 28 -10.13 2.10 -7.72
C THR B 28 -10.56 3.56 -7.58
N GLN B 29 -9.77 4.48 -8.14
CA GLN B 29 -10.12 5.89 -8.09
C GLN B 29 -11.36 6.06 -8.95
N GLY B 30 -11.57 5.12 -9.88
CA GLY B 30 -12.73 5.13 -10.75
C GLY B 30 -14.01 4.67 -10.09
N GLY B 31 -13.91 3.96 -8.97
CA GLY B 31 -15.10 3.50 -8.27
C GLY B 31 -15.33 1.99 -8.33
N ARG B 32 -14.44 1.28 -9.02
CA ARG B 32 -14.60 -0.16 -9.17
C ARG B 32 -14.07 -0.90 -7.93
N GLU B 33 -14.91 -1.73 -7.34
CA GLU B 33 -14.55 -2.60 -6.23
C GLU B 33 -13.61 -3.70 -6.70
N LEU B 34 -12.57 -3.98 -5.91
CA LEU B 34 -11.64 -5.06 -6.22
C LEU B 34 -11.82 -6.25 -5.25
N PRO B 35 -11.50 -7.46 -5.71
CA PRO B 35 -11.89 -8.66 -4.96
C PRO B 35 -11.00 -8.98 -3.75
N VAL B 36 -11.58 -8.90 -2.55
CA VAL B 36 -10.85 -9.20 -1.30
C VAL B 36 -11.16 -10.61 -0.80
N GLU B 37 -10.14 -11.47 -0.80
CA GLU B 37 -10.32 -12.84 -0.30
C GLU B 37 -10.22 -12.91 1.22
N GLN B 38 -11.33 -13.25 1.88
CA GLN B 38 -11.33 -13.61 3.29
C GLN B 38 -10.69 -12.63 4.27
N GLY B 39 -11.04 -11.34 4.15
CA GLY B 39 -10.60 -10.32 5.08
C GLY B 39 -9.09 -10.20 5.14
N GLN B 40 -8.44 -10.36 3.99
CA GLN B 40 -7.00 -10.37 3.97
C GLN B 40 -6.46 -10.16 2.57
N ALA B 41 -5.44 -9.31 2.45
CA ALA B 41 -4.87 -9.05 1.15
C ALA B 41 -3.43 -8.62 1.34
N TRP B 42 -2.59 -8.83 0.33
CA TRP B 42 -1.23 -8.32 0.29
C TRP B 42 -1.11 -7.36 -0.89
N LEU B 43 -0.86 -6.08 -0.60
CA LEU B 43 -0.85 -5.02 -1.61
C LEU B 43 0.59 -4.57 -1.88
N CYS B 44 0.93 -4.46 -3.17
CA CYS B 44 2.28 -4.15 -3.62
C CYS B 44 2.76 -2.81 -3.10
N ARG B 45 3.97 -2.81 -2.52
CA ARG B 45 4.58 -1.66 -1.92
C ARG B 45 5.80 -1.26 -2.74
N CYS B 46 6.23 -2.16 -3.61
CA CYS B 46 7.51 -2.05 -4.27
C CYS B 46 7.38 -1.31 -5.61
N GLY B 47 6.17 -1.32 -6.16
CA GLY B 47 5.87 -0.59 -7.38
C GLY B 47 5.99 -1.43 -8.63
N HIS B 48 6.32 -2.71 -8.49
CA HIS B 48 6.65 -3.54 -9.66
C HIS B 48 5.75 -4.75 -9.95
N SER B 49 4.78 -5.01 -9.09
CA SER B 49 3.84 -6.09 -9.36
C SER B 49 3.24 -5.97 -10.77
N LEU B 50 3.06 -7.12 -11.42
CA LEU B 50 2.37 -7.15 -12.72
C LEU B 50 0.90 -7.50 -12.54
N ASN B 51 0.44 -7.42 -11.29
CA ASN B 51 -0.97 -7.63 -10.94
C ASN B 51 -1.44 -6.58 -9.92
N LYS B 52 -1.06 -5.32 -10.13
CA LYS B 52 -1.36 -4.24 -9.19
C LYS B 52 -2.88 -4.15 -9.04
N PRO B 53 -3.37 -3.82 -7.83
CA PRO B 53 -2.61 -3.46 -6.64
C PRO B 53 -2.11 -4.67 -5.83
N PHE B 54 -2.23 -5.88 -6.36
CA PHE B 54 -1.83 -7.03 -5.55
C PHE B 54 -0.36 -7.44 -5.70
N CYS B 55 0.29 -7.67 -4.57
CA CYS B 55 1.65 -8.21 -4.61
C CYS B 55 1.71 -9.50 -5.43
N ASP B 56 2.69 -9.61 -6.32
CA ASP B 56 2.85 -10.91 -7.03
C ASP B 56 4.26 -11.50 -6.88
N GLY B 57 5.01 -11.01 -5.89
CA GLY B 57 6.34 -11.57 -5.60
C GLY B 57 7.44 -10.80 -6.32
N SER B 58 7.04 -9.82 -7.14
CA SER B 58 8.00 -8.97 -7.88
C SER B 58 8.93 -8.21 -6.98
N HIS B 59 8.49 -7.87 -5.78
CA HIS B 59 9.40 -7.28 -4.81
C HIS B 59 10.78 -8.05 -4.66
N LYS B 60 10.78 -9.39 -4.79
CA LYS B 60 12.01 -10.16 -4.66
C LYS B 60 12.89 -10.08 -5.92
N ARG B 61 12.21 -10.06 -7.06
CA ARG B 61 12.90 -9.98 -8.36
C ARG B 61 13.68 -8.66 -8.50
N VAL B 62 13.09 -7.57 -8.02
CA VAL B 62 13.71 -6.25 -8.10
C VAL B 62 14.39 -5.83 -6.81
N GLU B 63 14.64 -6.80 -5.94
CA GLU B 63 15.32 -6.57 -4.64
C GLU B 63 14.92 -5.24 -3.95
N PHE B 64 13.62 -5.04 -3.82
CA PHE B 64 13.03 -3.94 -3.05
C PHE B 64 13.74 -3.83 -1.68
N ASP B 65 14.27 -2.65 -1.39
CA ASP B 65 14.97 -2.38 -0.15
C ASP B 65 14.25 -1.34 0.71
N SER B 66 13.42 -1.82 1.64
CA SER B 66 12.78 -0.96 2.63
C SER B 66 12.60 -1.74 3.93
N ASN B 67 13.49 -1.51 4.86
CA ASN B 67 13.41 -2.16 6.16
C ASN B 67 13.00 -1.09 7.15
N LEU B 68 11.82 -1.26 7.73
CA LEU B 68 11.27 -0.21 8.61
C LEU B 68 11.57 -0.50 10.08
FE1 FES C . 5.28 6.48 -3.74
FE2 FES C . 3.64 8.67 -3.56
S1 FES C . 3.04 6.57 -4.18
S2 FES C . 5.76 8.49 -2.97
FE1 FES D . 5.45 -5.32 -5.07
FE2 FES D . 5.29 -7.75 -3.73
S1 FES D . 5.43 -5.68 -2.85
S2 FES D . 5.09 -7.34 -5.88
O1 2PE E . 6.29 -12.06 -12.32
C2 2PE E . 7.48 -12.62 -11.77
C3 2PE E . 7.60 -12.22 -10.30
O4 2PE E . 8.32 -13.24 -9.59
C5 2PE E . 9.67 -12.87 -9.35
C6 2PE E . 10.22 -13.49 -8.06
O7 2PE E . 9.31 -14.45 -7.50
C8 2PE E . 9.57 -14.60 -6.10
C9 2PE E . 8.67 -15.70 -5.55
O10 2PE E . 7.34 -15.18 -5.50
C11 2PE E . 6.34 -16.16 -5.31
C12 2PE E . 4.99 -15.58 -5.71
O13 2PE E . 4.51 -14.59 -4.77
C14 2PE E . 3.10 -14.76 -4.83
C15 2PE E . 2.42 -13.41 -4.74
O16 2PE E . 2.71 -12.86 -3.49
C17 2PE E . 2.21 -13.70 -2.47
C18 2PE E . 1.71 -12.77 -1.38
O19 2PE E . 1.30 -13.59 -0.28
C20 2PE E . 0.29 -14.49 -0.71
C21 2PE E . -0.28 -15.41 0.35
O22 2PE E . -0.38 -16.79 -0.09
C23 2PE E . -0.06 -16.95 -1.48
C24 2PE E . -0.04 -18.42 -1.91
O25 2PE E . -1.37 -18.95 -2.04
C26 2PE E . -1.45 -19.98 -3.01
C27 2PE E . -2.88 -20.48 -3.12
O28 2PE E . -3.23 -21.11 -1.89
O1 TLA F . 8.85 -9.90 4.60
O11 TLA F . 7.47 -9.70 2.87
C1 TLA F . 8.60 -9.89 3.37
C2 TLA F . 9.71 -10.17 2.43
O2 TLA F . 9.21 -10.07 1.10
C3 TLA F . 10.29 -11.55 2.69
O3 TLA F . 9.25 -12.51 2.49
C4 TLA F . 11.44 -11.66 1.75
O4 TLA F . 11.48 -12.54 0.87
O41 TLA F . 12.31 -10.76 1.88
#